data_1C3L
#
_entry.id   1C3L
#
_cell.length_a   76.500
_cell.length_b   55.300
_cell.length_c   53.400
_cell.angle_alpha   90.00
_cell.angle_beta   90.00
_cell.angle_gamma   90.00
#
_symmetry.space_group_name_H-M   'P 21 21 21'
#
loop_
_entity.id
_entity.type
_entity.pdbx_description
1 polymer SUBTILISIN-CARLSBERG
2 non-polymer 'CALCIUM ION'
3 non-polymer XENON
4 non-polymer 'FORMIC ACID'
5 water water
#
_entity_poly.entity_id   1
_entity_poly.type   'polypeptide(L)'
_entity_poly.pdbx_seq_one_letter_code
;AQTVPYGIPLIKADKVQAQGFKGANVKVAVLDTGIQASHPDLNVVGGASFVAGEAYNTDGNGHGTHVAGTVAALDNTTGV
LGVAPSVSLYAVKVLNSSGSGSYSGIVSGIEWATTNGMDVINMSLGGASGSTAMKQAVDNAYARGVVVVAAAGNSGSSGS
TNTIGYPAKYDSVIAVGAVDSNSNRASFSSVGAELEVMAPGAGVYSTYPTNTYATLNGTSMASPHVAGAAALILSKHPNL
SASQVRNRLSSTATYLGSSFYYGKGLINVEAAAQ
;
_entity_poly.pdbx_strand_id   A
#
# COMPACT_ATOMS: atom_id res chain seq x y z
N ALA A 1 -4.73 -21.65 -13.61
CA ALA A 1 -4.88 -21.78 -12.17
C ALA A 1 -4.48 -20.48 -11.47
N GLN A 2 -3.49 -19.75 -11.99
CA GLN A 2 -3.19 -18.50 -11.28
C GLN A 2 -3.85 -17.31 -11.98
N THR A 3 -4.57 -16.50 -11.22
CA THR A 3 -5.24 -15.33 -11.75
C THR A 3 -4.36 -14.08 -11.61
N VAL A 4 -4.44 -13.21 -12.60
CA VAL A 4 -3.73 -11.95 -12.62
C VAL A 4 -4.75 -10.80 -12.56
N PRO A 5 -4.85 -10.17 -11.41
CA PRO A 5 -5.79 -9.04 -11.24
C PRO A 5 -5.45 -7.93 -12.22
N TYR A 6 -6.44 -7.23 -12.75
CA TYR A 6 -6.24 -6.19 -13.75
C TYR A 6 -5.24 -5.14 -13.35
N GLY A 7 -5.07 -4.85 -12.07
CA GLY A 7 -4.17 -3.83 -11.61
C GLY A 7 -2.69 -4.04 -11.86
N ILE A 8 -2.26 -5.29 -11.96
CA ILE A 8 -0.86 -5.64 -12.20
C ILE A 8 -0.44 -5.08 -13.55
N PRO A 9 -1.08 -5.46 -14.65
CA PRO A 9 -0.66 -4.86 -15.92
C PRO A 9 -1.03 -3.38 -16.02
N LEU A 10 -2.13 -2.94 -15.41
CA LEU A 10 -2.50 -1.53 -15.54
C LEU A 10 -1.38 -0.59 -15.14
N ILE A 11 -0.64 -0.97 -14.10
CA ILE A 11 0.43 -0.11 -13.62
C ILE A 11 1.77 -0.54 -14.20
N LYS A 12 1.69 -1.58 -15.02
CA LYS A 12 2.78 -2.17 -15.77
C LYS A 12 3.77 -2.95 -14.91
N ALA A 13 3.27 -3.52 -13.81
CA ALA A 13 4.11 -4.29 -12.92
C ALA A 13 4.58 -5.58 -13.59
N ASP A 14 3.78 -6.08 -14.52
CA ASP A 14 4.12 -7.30 -15.23
C ASP A 14 5.39 -7.13 -16.08
N LYS A 15 5.63 -5.95 -16.62
CA LYS A 15 6.83 -5.70 -17.44
C LYS A 15 8.08 -5.65 -16.58
N VAL A 16 8.01 -5.13 -15.35
CA VAL A 16 9.23 -5.13 -14.55
C VAL A 16 9.54 -6.53 -14.06
N GLN A 17 8.46 -7.24 -13.76
CA GLN A 17 8.54 -8.61 -13.26
C GLN A 17 9.17 -9.50 -14.34
N ALA A 18 8.82 -9.19 -15.58
CA ALA A 18 9.29 -9.90 -16.77
C ALA A 18 10.80 -9.79 -16.94
N GLN A 19 11.36 -8.68 -16.51
CA GLN A 19 12.78 -8.34 -16.54
C GLN A 19 13.52 -9.09 -15.43
N GLY A 20 12.76 -9.68 -14.50
CA GLY A 20 13.40 -10.40 -13.42
C GLY A 20 13.40 -9.65 -12.10
N PHE A 21 12.69 -8.53 -12.02
CA PHE A 21 12.66 -7.80 -10.75
C PHE A 21 11.33 -8.09 -10.07
N LYS A 22 11.33 -8.74 -8.90
CA LYS A 22 10.05 -9.08 -8.28
C LYS A 22 10.02 -8.79 -6.78
N GLY A 23 10.88 -7.90 -6.34
CA GLY A 23 10.99 -7.45 -4.97
C GLY A 23 11.80 -8.30 -4.03
N ALA A 24 12.65 -9.19 -4.52
CA ALA A 24 13.45 -10.06 -3.68
C ALA A 24 14.35 -9.32 -2.70
N ASN A 25 14.31 -9.69 -1.42
CA ASN A 25 15.14 -9.10 -0.37
C ASN A 25 14.70 -7.72 0.07
N VAL A 26 13.54 -7.27 -0.40
CA VAL A 26 13.02 -5.96 0.00
C VAL A 26 12.00 -6.22 1.11
N LYS A 27 12.08 -5.48 2.21
CA LYS A 27 11.14 -5.73 3.31
C LYS A 27 10.01 -4.71 3.39
N VAL A 28 8.80 -5.25 3.26
CA VAL A 28 7.58 -4.45 3.30
C VAL A 28 6.73 -4.77 4.52
N ALA A 29 6.34 -3.72 5.26
CA ALA A 29 5.49 -3.93 6.42
C ALA A 29 4.07 -3.51 6.05
N VAL A 30 3.12 -4.41 6.27
CA VAL A 30 1.72 -4.11 6.03
C VAL A 30 1.09 -3.82 7.40
N LEU A 31 0.86 -2.55 7.70
CA LEU A 31 0.26 -2.12 8.96
C LEU A 31 -1.24 -2.18 8.76
N ASP A 32 -1.85 -3.20 9.37
CA ASP A 32 -3.29 -3.34 9.14
C ASP A 32 -4.01 -4.20 10.16
N THR A 33 -5.06 -4.92 9.74
CA THR A 33 -5.81 -5.77 10.66
C THR A 33 -5.16 -7.16 10.83
N GLY A 34 -3.91 -7.29 10.41
CA GLY A 34 -3.11 -8.50 10.43
C GLY A 34 -3.09 -9.22 9.09
N ILE A 35 -2.59 -10.44 9.06
CA ILE A 35 -2.53 -11.27 7.86
C ILE A 35 -2.75 -12.74 8.20
N GLN A 36 -3.54 -13.44 7.39
CA GLN A 36 -3.77 -14.88 7.61
C GLN A 36 -2.50 -15.56 7.10
N ALA A 37 -1.51 -15.67 8.00
CA ALA A 37 -0.24 -16.23 7.57
C ALA A 37 -0.33 -17.62 6.96
N SER A 38 -1.36 -18.38 7.32
CA SER A 38 -1.47 -19.72 6.78
C SER A 38 -1.99 -19.76 5.35
N HIS A 39 -2.39 -18.62 4.79
CA HIS A 39 -2.90 -18.67 3.41
C HIS A 39 -1.83 -19.27 2.50
N PRO A 40 -2.20 -20.23 1.66
CA PRO A 40 -1.24 -20.87 0.76
C PRO A 40 -0.60 -19.92 -0.25
N ASP A 41 -1.24 -18.82 -0.64
CA ASP A 41 -0.67 -17.88 -1.61
C ASP A 41 0.10 -16.74 -0.97
N LEU A 42 0.41 -16.88 0.32
CA LEU A 42 1.16 -15.85 1.00
C LEU A 42 2.26 -16.48 1.87
N ASN A 43 3.32 -15.70 2.02
CA ASN A 43 4.44 -16.09 2.85
C ASN A 43 4.81 -14.89 3.72
N VAL A 44 4.39 -14.95 4.97
CA VAL A 44 4.62 -13.94 5.98
C VAL A 44 5.92 -14.26 6.70
N VAL A 45 6.87 -13.34 6.63
CA VAL A 45 8.16 -13.58 7.24
C VAL A 45 8.16 -13.29 8.73
N GLY A 46 7.38 -12.30 9.15
CA GLY A 46 7.36 -11.99 10.58
C GLY A 46 6.37 -10.88 10.85
N GLY A 47 6.45 -10.28 12.04
CA GLY A 47 5.54 -9.20 12.36
C GLY A 47 5.45 -8.95 13.85
N ALA A 48 4.50 -8.10 14.19
CA ALA A 48 4.23 -7.72 15.57
C ALA A 48 2.79 -7.28 15.74
N SER A 49 2.20 -7.48 16.91
CA SER A 49 0.82 -7.03 17.11
C SER A 49 0.80 -6.05 18.30
N PHE A 50 0.18 -4.92 18.05
CA PHE A 50 0.00 -3.83 19.00
C PHE A 50 -1.47 -3.64 19.35
N VAL A 51 -2.22 -4.71 19.06
CA VAL A 51 -3.64 -4.80 19.34
C VAL A 51 -3.80 -5.86 20.43
N ALA A 52 -4.46 -5.52 21.54
CA ALA A 52 -4.59 -6.50 22.63
C ALA A 52 -5.42 -7.70 22.24
N GLY A 53 -4.99 -8.88 22.65
CA GLY A 53 -5.66 -10.13 22.42
C GLY A 53 -5.60 -10.76 21.05
N GLU A 54 -4.94 -10.18 20.07
CA GLU A 54 -4.82 -10.75 18.72
C GLU A 54 -3.35 -10.88 18.32
N ALA A 55 -3.00 -12.00 17.72
CA ALA A 55 -1.63 -12.21 17.28
C ALA A 55 -1.46 -11.55 15.92
N TYR A 56 -0.23 -11.50 15.43
CA TYR A 56 -0.01 -10.84 14.15
C TYR A 56 -0.34 -11.72 12.95
N ASN A 57 -0.17 -13.02 13.12
CA ASN A 57 -0.35 -13.99 12.05
C ASN A 57 -1.75 -14.52 11.88
N THR A 58 -2.72 -13.74 12.35
CA THR A 58 -4.10 -14.13 12.13
C THR A 58 -4.82 -12.87 11.63
N ASP A 59 -5.92 -13.00 10.91
CA ASP A 59 -6.63 -11.80 10.45
C ASP A 59 -8.13 -12.05 10.50
N GLY A 60 -8.77 -11.57 11.57
CA GLY A 60 -10.18 -11.74 11.75
C GLY A 60 -11.04 -10.83 10.91
N ASN A 61 -10.43 -9.92 10.16
CA ASN A 61 -11.24 -8.98 9.35
C ASN A 61 -11.21 -9.34 7.88
N GLY A 62 -10.02 -9.41 7.32
CA GLY A 62 -9.88 -9.75 5.91
C GLY A 62 -9.11 -8.68 5.17
N HIS A 63 -9.30 -7.44 5.61
CA HIS A 63 -8.70 -6.23 5.05
C HIS A 63 -7.18 -6.34 4.91
N GLY A 64 -6.52 -6.75 5.98
CA GLY A 64 -5.08 -6.92 6.02
C GLY A 64 -4.57 -7.98 5.06
N THR A 65 -5.30 -9.09 4.95
CA THR A 65 -5.00 -10.22 4.08
C THR A 65 -5.13 -9.82 2.62
N HIS A 66 -6.21 -9.10 2.31
CA HIS A 66 -6.46 -8.60 0.95
C HIS A 66 -5.37 -7.63 0.50
N VAL A 67 -5.03 -6.67 1.37
CA VAL A 67 -4.01 -5.68 1.10
C VAL A 67 -2.64 -6.34 0.89
N ALA A 68 -2.28 -7.28 1.76
CA ALA A 68 -1.03 -8.00 1.66
C ALA A 68 -0.89 -8.80 0.37
N GLY A 69 -1.99 -9.40 -0.08
CA GLY A 69 -1.99 -10.18 -1.29
C GLY A 69 -1.76 -9.28 -2.50
N THR A 70 -2.19 -8.02 -2.39
CA THR A 70 -1.98 -7.12 -3.53
C THR A 70 -0.50 -6.75 -3.61
N VAL A 71 0.13 -6.63 -2.44
CA VAL A 71 1.55 -6.32 -2.45
C VAL A 71 2.38 -7.55 -2.84
N ALA A 72 2.10 -8.69 -2.22
CA ALA A 72 2.92 -9.88 -2.50
C ALA A 72 2.26 -11.23 -2.68
N ALA A 73 1.07 -11.44 -3.21
CA ALA A 73 0.68 -12.84 -3.39
C ALA A 73 1.75 -13.54 -4.20
N LEU A 74 2.06 -14.78 -3.86
CA LEU A 74 3.09 -15.57 -4.50
C LEU A 74 2.84 -15.92 -5.97
N ASP A 75 3.94 -15.87 -6.70
CA ASP A 75 3.90 -16.21 -8.12
C ASP A 75 4.01 -17.73 -8.24
N ASN A 76 2.87 -18.37 -8.49
CA ASN A 76 2.86 -19.82 -8.58
C ASN A 76 1.74 -20.24 -9.53
N THR A 77 1.17 -21.44 -9.31
CA THR A 77 0.10 -21.88 -10.21
C THR A 77 -1.25 -21.76 -9.53
N THR A 78 -1.30 -20.97 -8.46
CA THR A 78 -2.62 -20.86 -7.83
C THR A 78 -2.91 -19.45 -7.36
N GLY A 79 -4.15 -19.22 -6.99
CA GLY A 79 -4.64 -17.96 -6.50
C GLY A 79 -4.39 -16.75 -7.39
N VAL A 80 -3.79 -15.72 -6.80
CA VAL A 80 -3.51 -14.48 -7.50
C VAL A 80 -2.00 -14.23 -7.56
N LEU A 81 -1.65 -13.08 -8.10
CA LEU A 81 -0.29 -12.64 -8.27
C LEU A 81 -0.07 -11.26 -7.67
N GLY A 82 0.89 -11.08 -6.79
CA GLY A 82 1.15 -9.75 -6.22
C GLY A 82 1.97 -8.88 -7.16
N VAL A 83 2.08 -7.59 -6.82
CA VAL A 83 2.83 -6.63 -7.58
C VAL A 83 4.33 -6.93 -7.47
N ALA A 84 4.75 -7.34 -6.29
CA ALA A 84 6.10 -7.69 -5.87
C ALA A 84 6.12 -9.02 -5.09
N PRO A 85 5.87 -10.10 -5.83
CA PRO A 85 5.73 -11.43 -5.27
C PRO A 85 6.91 -12.00 -4.51
N SER A 86 8.14 -11.54 -4.68
CA SER A 86 9.25 -12.15 -3.93
C SER A 86 9.67 -11.29 -2.75
N VAL A 87 8.80 -10.36 -2.38
CA VAL A 87 9.17 -9.49 -1.26
C VAL A 87 9.14 -10.18 0.09
N SER A 88 9.83 -9.62 1.07
CA SER A 88 9.84 -10.13 2.44
C SER A 88 8.64 -9.46 3.13
N LEU A 89 7.59 -10.21 3.40
CA LEU A 89 6.39 -9.63 4.00
C LEU A 89 6.27 -9.78 5.50
N TYR A 90 5.99 -8.64 6.12
CA TYR A 90 5.84 -8.48 7.55
C TYR A 90 4.45 -7.98 7.95
N ALA A 91 3.78 -8.69 8.86
CA ALA A 91 2.45 -8.24 9.27
C ALA A 91 2.53 -7.50 10.60
N VAL A 92 2.13 -6.24 10.55
CA VAL A 92 2.11 -5.36 11.71
C VAL A 92 0.67 -4.97 11.99
N LYS A 93 0.10 -5.64 13.00
CA LYS A 93 -1.27 -5.45 13.43
C LYS A 93 -1.44 -4.21 14.33
N VAL A 94 -2.11 -3.20 13.78
CA VAL A 94 -2.41 -1.93 14.40
C VAL A 94 -3.92 -1.66 14.40
N LEU A 95 -4.65 -2.50 13.69
CA LEU A 95 -6.11 -2.36 13.63
C LEU A 95 -6.73 -3.68 14.11
N ASN A 96 -7.83 -3.60 14.85
CA ASN A 96 -8.44 -4.83 15.32
C ASN A 96 -9.35 -5.43 14.24
N SER A 97 -10.07 -6.45 14.66
CA SER A 97 -11.03 -7.23 13.92
C SER A 97 -12.14 -6.39 13.32
N SER A 98 -12.45 -5.25 13.93
CA SER A 98 -13.52 -4.38 13.45
C SER A 98 -13.01 -3.30 12.51
N GLY A 99 -11.69 -3.32 12.30
CA GLY A 99 -10.99 -2.42 11.42
C GLY A 99 -10.63 -1.07 11.99
N SER A 100 -10.60 -0.95 13.30
CA SER A 100 -10.25 0.30 13.95
C SER A 100 -9.06 0.10 14.88
N GLY A 101 -8.38 1.20 15.22
CA GLY A 101 -7.22 1.08 16.09
C GLY A 101 -6.80 2.44 16.61
N SER A 102 -6.16 2.47 17.76
CA SER A 102 -5.73 3.74 18.33
C SER A 102 -4.48 4.31 17.67
N TYR A 103 -4.38 5.64 17.78
CA TYR A 103 -3.22 6.35 17.26
C TYR A 103 -1.93 5.81 17.87
N SER A 104 -1.92 5.56 19.18
CA SER A 104 -0.68 5.06 19.83
C SER A 104 -0.30 3.69 19.30
N GLY A 105 -1.28 2.84 19.03
CA GLY A 105 -0.97 1.52 18.49
C GLY A 105 -0.42 1.69 17.07
N ILE A 106 -1.01 2.63 16.34
CA ILE A 106 -0.53 2.88 14.97
C ILE A 106 0.88 3.44 15.00
N VAL A 107 1.10 4.44 15.85
CA VAL A 107 2.42 5.04 16.01
C VAL A 107 3.43 3.98 16.40
N SER A 108 3.10 3.10 17.34
CA SER A 108 4.00 2.02 17.76
C SER A 108 4.30 1.10 16.58
N GLY A 109 3.29 0.84 15.74
CA GLY A 109 3.56 0.00 14.57
C GLY A 109 4.52 0.73 13.64
N ILE A 110 4.36 2.03 13.43
CA ILE A 110 5.26 2.74 12.52
C ILE A 110 6.69 2.68 13.05
N GLU A 111 6.86 2.96 14.33
CA GLU A 111 8.21 2.94 14.91
C GLU A 111 8.80 1.54 14.84
N TRP A 112 7.96 0.54 15.06
CA TRP A 112 8.45 -0.84 14.96
C TRP A 112 9.07 -1.02 13.58
N ALA A 113 8.26 -0.71 12.56
CA ALA A 113 8.75 -0.88 11.18
C ALA A 113 10.13 -0.26 10.99
N THR A 114 10.20 0.99 11.43
CA THR A 114 11.40 1.80 11.33
C THR A 114 12.61 1.11 11.94
N THR A 115 12.42 0.71 13.19
CA THR A 115 13.46 0.05 13.97
C THR A 115 13.88 -1.29 13.41
N ASN A 116 12.92 -2.02 12.86
CA ASN A 116 13.28 -3.34 12.35
C ASN A 116 13.83 -3.28 10.93
N GLY A 117 14.10 -2.06 10.47
CA GLY A 117 14.68 -1.84 9.17
C GLY A 117 13.83 -2.08 7.97
N MET A 118 12.54 -1.77 8.00
CA MET A 118 11.74 -2.00 6.80
C MET A 118 12.12 -0.99 5.72
N ASP A 119 11.90 -1.38 4.47
CA ASP A 119 12.16 -0.54 3.32
C ASP A 119 10.90 0.21 2.89
N VAL A 120 9.77 -0.45 3.12
CA VAL A 120 8.50 0.16 2.71
C VAL A 120 7.44 -0.07 3.78
N ILE A 121 6.59 0.92 3.96
CA ILE A 121 5.50 0.85 4.93
C ILE A 121 4.20 1.19 4.19
N ASN A 122 3.23 0.30 4.34
CA ASN A 122 1.93 0.53 3.73
C ASN A 122 0.90 0.77 4.85
N MET A 123 0.20 1.89 4.73
CA MET A 123 -0.84 2.21 5.70
C MET A 123 -2.18 2.41 5.00
N SER A 124 -2.90 1.29 4.88
CA SER A 124 -4.22 1.37 4.25
C SER A 124 -5.23 1.66 5.37
N LEU A 125 -5.07 2.88 5.86
CA LEU A 125 -5.91 3.39 6.95
C LEU A 125 -5.82 4.91 6.99
N GLY A 126 -6.81 5.56 7.60
CA GLY A 126 -6.82 7.02 7.69
C GLY A 126 -7.74 7.49 8.81
N GLY A 127 -7.52 8.71 9.25
CA GLY A 127 -8.29 9.37 10.30
C GLY A 127 -8.61 10.79 9.80
N ALA A 128 -9.61 11.43 10.37
CA ALA A 128 -10.00 12.77 10.01
C ALA A 128 -9.00 13.76 10.60
N SER A 129 -8.40 13.28 11.68
CA SER A 129 -7.42 14.02 12.43
C SER A 129 -6.12 13.24 12.63
N GLY A 130 -5.03 13.99 12.54
CA GLY A 130 -3.72 13.38 12.75
C GLY A 130 -3.28 13.80 14.14
N SER A 131 -2.00 13.62 14.45
CA SER A 131 -1.50 14.01 15.76
C SER A 131 0.00 14.27 15.65
N THR A 132 0.49 14.99 16.64
CA THR A 132 1.88 15.35 16.79
C THR A 132 2.80 14.14 16.67
N ALA A 133 2.55 13.15 17.51
CA ALA A 133 3.35 11.93 17.53
C ALA A 133 3.29 11.20 16.20
N MET A 134 2.08 11.08 15.65
CA MET A 134 1.97 10.38 14.37
C MET A 134 2.80 11.07 13.29
N LYS A 135 2.79 12.40 13.26
CA LYS A 135 3.56 13.10 12.24
C LYS A 135 5.06 12.90 12.47
N GLN A 136 5.39 12.80 13.75
CA GLN A 136 6.72 12.58 14.26
C GLN A 136 7.29 11.25 13.75
N ALA A 137 6.43 10.24 13.89
CA ALA A 137 6.76 8.87 13.48
C ALA A 137 6.91 8.71 11.98
N VAL A 138 6.01 9.32 11.21
CA VAL A 138 6.16 9.18 9.75
C VAL A 138 7.28 10.08 9.25
N ASP A 139 7.52 11.22 9.89
CA ASP A 139 8.62 12.09 9.46
C ASP A 139 9.95 11.41 9.72
N ASN A 140 10.09 10.79 10.88
CA ASN A 140 11.36 10.13 11.17
C ASN A 140 11.61 8.91 10.30
N ALA A 141 10.55 8.15 9.99
CA ALA A 141 10.78 6.97 9.16
C ALA A 141 11.20 7.36 7.74
N TYR A 142 10.62 8.44 7.25
CA TYR A 142 10.89 8.99 5.93
C TYR A 142 12.32 9.55 5.90
N ALA A 143 12.67 10.28 6.95
CA ALA A 143 13.99 10.85 7.08
C ALA A 143 15.02 9.73 7.22
N ARG A 144 14.55 8.61 7.74
CA ARG A 144 15.42 7.46 7.94
C ARG A 144 15.53 6.58 6.71
N GLY A 145 14.86 6.96 5.63
CA GLY A 145 14.95 6.16 4.42
C GLY A 145 13.81 5.21 4.17
N VAL A 146 12.70 5.34 4.91
CA VAL A 146 11.60 4.44 4.63
C VAL A 146 10.60 5.09 3.69
N VAL A 147 10.08 4.32 2.75
CA VAL A 147 9.05 4.85 1.85
C VAL A 147 7.69 4.60 2.50
N VAL A 148 7.06 5.69 2.91
CA VAL A 148 5.76 5.63 3.58
C VAL A 148 4.66 5.98 2.59
N VAL A 149 3.75 5.02 2.48
CA VAL A 149 2.61 5.02 1.62
C VAL A 149 1.31 4.80 2.38
N ALA A 150 0.30 5.61 2.06
CA ALA A 150 -0.99 5.46 2.73
C ALA A 150 -2.16 5.75 1.76
N ALA A 151 -3.30 5.23 2.20
CA ALA A 151 -4.55 5.40 1.49
C ALA A 151 -5.00 6.85 1.67
N ALA A 152 -5.34 7.53 0.58
CA ALA A 152 -5.77 8.92 0.74
C ALA A 152 -7.06 9.07 1.53
N GLY A 153 -8.03 8.19 1.33
CA GLY A 153 -9.29 8.29 2.05
C GLY A 153 -10.45 7.98 1.12
N ASN A 154 -11.60 7.63 1.69
CA ASN A 154 -12.73 7.33 0.80
C ASN A 154 -13.93 8.23 1.10
N SER A 155 -13.72 9.53 1.29
CA SER A 155 -14.86 10.41 1.57
C SER A 155 -15.28 11.18 0.33
N GLY A 156 -14.62 10.90 -0.78
CA GLY A 156 -14.85 11.50 -2.07
C GLY A 156 -14.59 12.99 -2.16
N SER A 157 -15.42 13.65 -2.95
CA SER A 157 -15.40 15.08 -3.22
C SER A 157 -16.59 15.83 -2.65
N SER A 158 -16.33 17.06 -2.20
CA SER A 158 -17.32 17.96 -1.65
C SER A 158 -16.87 19.39 -1.92
N GLY A 159 -17.14 19.84 -3.13
CA GLY A 159 -16.73 21.19 -3.53
C GLY A 159 -15.20 21.28 -3.41
N SER A 160 -14.67 22.49 -3.31
CA SER A 160 -13.22 22.65 -3.19
C SER A 160 -12.74 22.14 -1.84
N THR A 161 -13.56 21.31 -1.23
CA THR A 161 -13.28 20.72 0.07
C THR A 161 -12.26 19.60 0.04
N ASN A 162 -11.18 19.81 0.78
CA ASN A 162 -10.08 18.87 0.95
C ASN A 162 -10.57 17.69 1.78
N THR A 163 -10.59 16.50 1.20
CA THR A 163 -11.10 15.34 1.93
C THR A 163 -10.01 14.33 2.26
N ILE A 164 -8.76 14.70 2.08
CA ILE A 164 -7.65 13.80 2.39
C ILE A 164 -7.54 13.60 3.90
N GLY A 165 -7.28 12.36 4.31
CA GLY A 165 -7.16 12.04 5.72
C GLY A 165 -5.70 11.78 6.13
N TYR A 166 -5.53 11.54 7.41
CA TYR A 166 -4.29 11.25 8.11
C TYR A 166 -4.15 9.73 8.23
N PRO A 167 -2.95 9.22 8.05
CA PRO A 167 -1.77 10.04 7.81
C PRO A 167 -1.40 10.42 6.39
N ALA A 168 -2.27 10.24 5.41
CA ALA A 168 -1.90 10.59 4.04
C ALA A 168 -1.64 12.07 3.82
N LYS A 169 -2.26 12.92 4.63
CA LYS A 169 -2.08 14.37 4.49
C LYS A 169 -0.69 14.87 4.84
N TYR A 170 0.09 14.11 5.62
CA TYR A 170 1.44 14.57 5.94
C TYR A 170 2.34 14.55 4.72
N ASP A 171 3.17 15.58 4.56
CA ASP A 171 4.03 15.61 3.38
C ASP A 171 5.08 14.52 3.36
N SER A 172 5.31 13.76 4.42
CA SER A 172 6.33 12.70 4.33
C SER A 172 5.71 11.39 3.88
N VAL A 173 4.40 11.46 3.61
CA VAL A 173 3.64 10.29 3.21
C VAL A 173 3.08 10.37 1.80
N ILE A 174 3.15 9.30 1.01
CA ILE A 174 2.57 9.37 -0.33
C ILE A 174 1.06 9.17 -0.25
N ALA A 175 0.24 10.17 -0.54
CA ALA A 175 -1.21 9.99 -0.52
C ALA A 175 -1.67 9.39 -1.85
N VAL A 176 -2.27 8.21 -1.79
CA VAL A 176 -2.72 7.50 -2.98
C VAL A 176 -4.23 7.41 -3.17
N GLY A 177 -4.71 7.84 -4.31
CA GLY A 177 -6.13 7.76 -4.64
C GLY A 177 -6.38 6.51 -5.47
N ALA A 178 -7.65 6.27 -5.77
CA ALA A 178 -8.09 5.10 -6.51
C ALA A 178 -8.74 5.30 -7.87
N VAL A 179 -8.36 4.45 -8.83
CA VAL A 179 -8.95 4.44 -10.16
C VAL A 179 -9.62 3.07 -10.35
N ASP A 180 -10.32 2.91 -11.46
CA ASP A 180 -10.97 1.63 -11.76
C ASP A 180 -10.27 0.98 -12.94
N SER A 181 -10.76 -0.18 -13.40
CA SER A 181 -10.08 -0.82 -14.53
C SER A 181 -10.10 0.03 -15.79
N ASN A 182 -10.85 1.12 -15.83
CA ASN A 182 -10.89 1.98 -17.00
C ASN A 182 -9.96 3.18 -16.82
N SER A 183 -9.28 3.22 -15.69
CA SER A 183 -8.35 4.33 -15.42
C SER A 183 -9.08 5.60 -15.04
N ASN A 184 -10.34 5.47 -14.66
CA ASN A 184 -11.10 6.63 -14.23
C ASN A 184 -11.14 6.68 -12.70
N ARG A 185 -11.19 7.89 -12.15
CA ARG A 185 -11.24 8.12 -10.72
C ARG A 185 -12.46 7.44 -10.11
N ALA A 186 -12.24 6.74 -9.02
CA ALA A 186 -13.32 6.06 -8.29
C ALA A 186 -14.09 7.14 -7.54
N SER A 187 -15.42 7.08 -7.53
CA SER A 187 -16.19 8.13 -6.88
C SER A 187 -15.89 8.25 -5.40
N PHE A 188 -15.43 7.19 -4.75
CA PHE A 188 -15.14 7.31 -3.31
C PHE A 188 -13.78 7.92 -3.04
N SER A 189 -12.94 7.97 -4.08
CA SER A 189 -11.59 8.50 -3.83
C SER A 189 -11.53 9.92 -3.30
N SER A 190 -10.91 10.09 -2.13
CA SER A 190 -10.77 11.40 -1.51
C SER A 190 -10.06 12.39 -2.42
N VAL A 191 -10.35 13.69 -2.25
CA VAL A 191 -9.68 14.67 -3.11
C VAL A 191 -9.01 15.76 -2.29
N GLY A 192 -8.12 16.53 -2.91
CA GLY A 192 -7.46 17.59 -2.15
C GLY A 192 -6.04 17.85 -2.63
N ALA A 193 -5.48 18.98 -2.21
CA ALA A 193 -4.14 19.42 -2.56
C ALA A 193 -3.06 18.39 -2.31
N GLU A 194 -3.16 17.62 -1.22
CA GLU A 194 -2.11 16.64 -0.94
C GLU A 194 -2.22 15.37 -1.74
N LEU A 195 -3.29 15.16 -2.51
CA LEU A 195 -3.38 13.92 -3.29
C LEU A 195 -2.12 13.77 -4.13
N GLU A 196 -1.40 12.65 -4.07
CA GLU A 196 -0.15 12.60 -4.85
C GLU A 196 -0.19 11.71 -6.08
N VAL A 197 -0.63 10.47 -5.94
CA VAL A 197 -0.69 9.57 -7.09
C VAL A 197 -1.94 8.69 -6.98
N MET A 198 -2.26 8.03 -8.09
CA MET A 198 -3.39 7.14 -8.22
C MET A 198 -2.98 5.72 -8.59
N ALA A 199 -3.75 4.76 -8.08
CA ALA A 199 -3.50 3.35 -8.36
C ALA A 199 -4.84 2.62 -8.39
N PRO A 200 -4.87 1.40 -8.88
CA PRO A 200 -6.14 0.67 -8.91
C PRO A 200 -6.68 0.44 -7.50
N GLY A 201 -7.93 0.84 -7.26
CA GLY A 201 -8.58 0.66 -5.98
C GLY A 201 -10.02 0.18 -6.10
N ALA A 202 -10.48 -0.01 -7.34
CA ALA A 202 -11.87 -0.48 -7.48
C ALA A 202 -11.89 -1.85 -8.14
N GLY A 203 -12.68 -2.72 -7.51
CA GLY A 203 -12.89 -4.10 -7.95
C GLY A 203 -11.60 -4.87 -7.92
N VAL A 204 -10.89 -4.72 -6.80
CA VAL A 204 -9.62 -5.42 -6.70
C VAL A 204 -9.74 -6.81 -6.06
N TYR A 205 -9.30 -7.81 -6.81
CA TYR A 205 -9.28 -9.22 -6.44
C TYR A 205 -7.96 -9.58 -5.76
N SER A 206 -8.03 -10.15 -4.57
CA SER A 206 -6.87 -10.56 -3.80
C SER A 206 -7.17 -11.67 -2.78
N THR A 207 -6.13 -12.03 -2.04
CA THR A 207 -6.17 -13.05 -1.02
C THR A 207 -7.15 -12.66 0.08
N TYR A 208 -7.88 -13.63 0.64
CA TYR A 208 -8.86 -13.35 1.69
C TYR A 208 -9.04 -14.55 2.61
N PRO A 209 -9.18 -14.32 3.91
CA PRO A 209 -9.33 -15.50 4.78
C PRO A 209 -10.66 -16.17 4.46
N THR A 210 -10.75 -17.48 4.54
CA THR A 210 -9.71 -18.40 4.89
C THR A 210 -9.29 -19.17 3.63
N ASN A 211 -8.05 -18.98 3.20
CA ASN A 211 -7.55 -19.69 2.04
C ASN A 211 -8.35 -19.38 0.78
N THR A 212 -8.96 -18.19 0.70
CA THR A 212 -9.72 -17.90 -0.51
C THR A 212 -9.31 -16.58 -1.13
N TYR A 213 -10.17 -16.00 -1.97
CA TYR A 213 -9.87 -14.76 -2.68
C TYR A 213 -11.14 -13.93 -2.85
N ALA A 214 -11.05 -12.61 -2.71
CA ALA A 214 -12.24 -11.78 -2.80
C ALA A 214 -11.97 -10.42 -3.43
N THR A 215 -13.06 -9.75 -3.77
CA THR A 215 -13.03 -8.43 -4.38
C THR A 215 -13.53 -7.34 -3.45
N LEU A 216 -12.69 -6.34 -3.26
CA LEU A 216 -12.92 -5.17 -2.42
C LEU A 216 -12.69 -3.87 -3.20
N ASN A 217 -13.30 -2.80 -2.70
CA ASN A 217 -13.24 -1.45 -3.24
C ASN A 217 -12.68 -0.49 -2.21
N GLY A 218 -11.75 0.40 -2.57
CA GLY A 218 -11.24 1.30 -1.54
C GLY A 218 -9.88 1.87 -1.81
N THR A 219 -9.58 3.03 -1.21
CA THR A 219 -8.23 3.53 -1.49
C THR A 219 -7.25 2.59 -0.80
N SER A 220 -7.78 1.74 0.07
CA SER A 220 -6.98 0.77 0.81
C SER A 220 -6.34 -0.26 -0.14
N MET A 221 -7.02 -0.43 -1.26
CA MET A 221 -6.66 -1.35 -2.33
C MET A 221 -5.63 -0.75 -3.27
N ALA A 222 -5.66 0.58 -3.39
CA ALA A 222 -4.75 1.32 -4.26
C ALA A 222 -3.37 1.42 -3.62
N SER A 223 -3.29 1.84 -2.37
CA SER A 223 -2.05 1.97 -1.62
C SER A 223 -1.02 0.85 -1.80
N PRO A 224 -1.45 -0.39 -1.58
CA PRO A 224 -0.56 -1.54 -1.73
C PRO A 224 0.02 -1.65 -3.14
N HIS A 225 -0.67 -1.10 -4.12
CA HIS A 225 -0.13 -1.15 -5.49
C HIS A 225 1.13 -0.29 -5.52
N VAL A 226 1.05 0.88 -4.89
CA VAL A 226 2.20 1.79 -4.83
C VAL A 226 3.27 1.25 -3.89
N ALA A 227 2.89 0.62 -2.78
CA ALA A 227 3.93 0.04 -1.90
C ALA A 227 4.67 -1.05 -2.67
N GLY A 228 3.91 -1.80 -3.46
CA GLY A 228 4.52 -2.86 -4.24
C GLY A 228 5.44 -2.28 -5.31
N ALA A 229 4.94 -1.28 -6.03
CA ALA A 229 5.77 -0.65 -7.07
C ALA A 229 7.08 -0.13 -6.48
N ALA A 230 6.99 0.47 -5.30
CA ALA A 230 8.21 0.98 -4.67
C ALA A 230 9.19 -0.17 -4.43
N ALA A 231 8.64 -1.33 -4.08
CA ALA A 231 9.46 -2.51 -3.84
C ALA A 231 10.15 -2.93 -5.13
N LEU A 232 9.43 -2.87 -6.25
CA LEU A 232 10.04 -3.27 -7.51
C LEU A 232 11.11 -2.26 -7.91
N ILE A 233 10.86 -0.98 -7.65
CA ILE A 233 11.86 0.03 -7.99
C ILE A 233 13.13 -0.23 -7.20
N LEU A 234 13.00 -0.64 -5.94
CA LEU A 234 14.15 -0.91 -5.08
C LEU A 234 14.88 -2.19 -5.45
N SER A 235 14.15 -3.19 -5.93
CA SER A 235 14.78 -4.44 -6.32
C SER A 235 15.67 -4.24 -7.55
N LYS A 236 15.32 -3.24 -8.34
CA LYS A 236 16.05 -2.93 -9.56
C LYS A 236 17.17 -1.91 -9.33
N HIS A 237 16.97 -0.96 -8.45
CA HIS A 237 17.86 0.10 -8.05
C HIS A 237 17.91 0.23 -6.53
N PRO A 238 18.62 -0.74 -5.98
CA PRO A 238 18.83 -0.89 -4.55
C PRO A 238 19.47 0.38 -3.97
N ASN A 239 20.03 1.15 -4.89
CA ASN A 239 20.73 2.38 -4.60
C ASN A 239 19.86 3.57 -4.20
N LEU A 240 18.70 3.73 -4.80
CA LEU A 240 17.81 4.85 -4.57
C LEU A 240 17.47 5.17 -3.14
N SER A 241 17.23 6.47 -2.91
CA SER A 241 16.83 6.94 -1.60
C SER A 241 15.31 6.94 -1.56
N ALA A 242 14.74 7.14 -0.40
CA ALA A 242 13.28 7.16 -0.26
C ALA A 242 12.68 8.28 -1.10
N SER A 243 13.31 9.45 -1.06
CA SER A 243 12.84 10.61 -1.82
C SER A 243 12.91 10.34 -3.32
N GLN A 244 13.99 9.67 -3.73
CA GLN A 244 14.16 9.37 -5.15
C GLN A 244 13.12 8.36 -5.64
N VAL A 245 12.79 7.40 -4.79
CA VAL A 245 11.79 6.41 -5.23
C VAL A 245 10.45 7.11 -5.42
N ARG A 246 10.18 8.00 -4.47
CA ARG A 246 8.96 8.79 -4.44
C ARG A 246 8.89 9.66 -5.68
N ASN A 247 10.00 10.35 -5.94
CA ASN A 247 10.04 11.24 -7.10
C ASN A 247 9.81 10.47 -8.40
N ARG A 248 10.34 9.27 -8.49
CA ARG A 248 10.23 8.42 -9.66
C ARG A 248 8.78 8.06 -9.94
N LEU A 249 8.06 7.78 -8.87
CA LEU A 249 6.66 7.39 -8.98
C LEU A 249 5.75 8.53 -9.40
N SER A 250 5.92 9.73 -8.83
CA SER A 250 5.01 10.80 -9.22
C SER A 250 5.38 11.49 -10.54
N SER A 251 6.65 11.59 -10.87
CA SER A 251 7.25 12.19 -12.05
C SER A 251 6.95 11.45 -13.34
N THR A 252 6.83 10.13 -13.24
CA THR A 252 6.57 9.31 -14.44
C THR A 252 5.10 8.93 -14.57
N ALA A 253 4.27 9.37 -13.63
CA ALA A 253 2.86 9.02 -13.66
C ALA A 253 2.14 9.55 -14.89
N THR A 254 1.15 8.77 -15.29
CA THR A 254 0.26 9.06 -16.41
C THR A 254 -0.76 10.10 -15.97
N TYR A 255 -0.78 11.25 -16.62
CA TYR A 255 -1.69 12.35 -16.33
C TYR A 255 -3.13 11.96 -16.65
N LEU A 256 -4.04 12.29 -15.73
CA LEU A 256 -5.43 11.90 -15.97
C LEU A 256 -6.40 13.06 -15.81
N GLY A 257 -5.86 14.18 -15.35
CA GLY A 257 -6.61 15.38 -15.10
C GLY A 257 -6.02 16.16 -13.92
N SER A 258 -6.82 17.09 -13.42
CA SER A 258 -6.53 17.97 -12.32
C SER A 258 -5.98 17.23 -11.10
N SER A 259 -4.91 17.78 -10.56
CA SER A 259 -4.13 17.36 -9.43
C SER A 259 -5.00 17.25 -8.18
N PHE A 260 -5.99 18.12 -8.09
CA PHE A 260 -6.88 18.09 -6.93
C PHE A 260 -7.63 16.75 -6.88
N TYR A 261 -7.88 16.18 -8.05
CA TYR A 261 -8.62 14.94 -8.19
C TYR A 261 -7.78 13.70 -8.50
N TYR A 262 -6.63 13.86 -9.13
CA TYR A 262 -5.74 12.78 -9.53
C TYR A 262 -4.30 12.90 -9.07
N GLY A 263 -3.92 13.94 -8.35
CA GLY A 263 -2.48 14.01 -8.04
C GLY A 263 -1.72 14.11 -9.37
N LYS A 264 -0.54 13.52 -9.47
CA LYS A 264 0.24 13.55 -10.70
C LYS A 264 -0.33 12.59 -11.73
N GLY A 265 -1.18 11.65 -11.28
CA GLY A 265 -1.79 10.72 -12.21
C GLY A 265 -1.62 9.27 -11.85
N LEU A 266 -1.93 8.36 -12.77
CA LEU A 266 -1.82 6.93 -12.50
C LEU A 266 -0.39 6.45 -12.52
N ILE A 267 0.04 5.63 -11.54
CA ILE A 267 1.43 5.22 -11.60
C ILE A 267 1.75 4.25 -12.73
N ASN A 268 3.02 4.32 -13.13
CA ASN A 268 3.53 3.45 -14.20
C ASN A 268 4.89 2.95 -13.76
N VAL A 269 4.92 1.74 -13.22
CA VAL A 269 6.11 1.13 -12.65
C VAL A 269 7.22 0.94 -13.66
N GLU A 270 6.85 0.57 -14.88
CA GLU A 270 7.90 0.40 -15.88
C GLU A 270 8.71 1.69 -16.03
N ALA A 271 8.03 2.80 -16.29
CA ALA A 271 8.64 4.11 -16.46
C ALA A 271 9.41 4.58 -15.24
N ALA A 272 8.78 4.46 -14.07
CA ALA A 272 9.43 4.91 -12.85
C ALA A 272 10.68 4.11 -12.51
N ALA A 273 10.74 2.85 -12.95
CA ALA A 273 11.90 2.03 -12.62
C ALA A 273 12.96 1.99 -13.71
N GLN A 274 12.84 2.84 -14.72
CA GLN A 274 13.75 2.90 -15.85
C GLN A 274 15.22 2.65 -15.41
#